data_5PHN
#
_entry.id   5PHN
#
_cell.length_a   71.657
_cell.length_b   71.657
_cell.length_c   150.715
_cell.angle_alpha   90.000
_cell.angle_beta   90.000
_cell.angle_gamma   90.000
#
_symmetry.space_group_name_H-M   'P 43 21 2'
#
loop_
_entity.id
_entity.type
_entity.pdbx_description
1 polymer 'Lysine-specific demethylase 4D'
2 non-polymer 'ZINC ION'
3 non-polymer 'NICKEL (II) ION'
4 non-polymer N-OXALYLGLYCINE
5 non-polymer 1,2-ETHANEDIOL
6 non-polymer 'SULFATE ION'
7 non-polymer P-HYDROXYACETOPHENONE
8 water water
#
_entity_poly.entity_id   1
_entity_poly.type   'polypeptide(L)'
_entity_poly.pdbx_seq_one_letter_code
;MHHHHHHSSGVDLGTENLYFQSMETMKSKANCAQNPNCNIMIFHPTKEEFNDFDKYIAYMESQGAHRAGLAKIIPPKEWK
ARETYDNISEILIATPLQQVASGRAGVFTQYHKKKKAMTVGEYRHLANSKKYQTPPHQNFEDLERKYWKNRIYNSPIYGA
DISGSLFDENTKQWNLGHLGTIQDLLEKECGVVIEGVNTPYLYFGMWKTTFAWHTEDMDLYSINYLHLGEPKTWYVVPPE
HGQRLERLARELFPGSSRGCGAFLRHKVALISPTVLKENGIPFNRITQEAGEFMVTFPYGYHAGFNHGFNCAEAINFATP
RWIDYGKMASQCSCGEARVTFSMDAFVRILQPERYDLWKRGQDR
;
_entity_poly.pdbx_strand_id   A
#
loop_
_chem_comp.id
_chem_comp.type
_chem_comp.name
_chem_comp.formula
AC6 non-polymer P-HYDROXYACETOPHENONE 'C8 H8 O2'
EDO non-polymer 1,2-ETHANEDIOL 'C2 H6 O2'
NI non-polymer 'NICKEL (II) ION' 'Ni 2'
OGA non-polymer N-OXALYLGLYCINE 'C4 H5 N O5'
SO4 non-polymer 'SULFATE ION' 'O4 S -2'
ZN non-polymer 'ZINC ION' 'Zn 2'
#
# COMPACT_ATOMS: atom_id res chain seq x y z
N ALA A 33 -22.37 -1.56 17.72
CA ALA A 33 -21.12 -1.65 16.96
C ALA A 33 -20.56 -0.28 16.60
N GLN A 34 -19.27 -0.10 16.78
CA GLN A 34 -18.62 1.18 16.47
CA GLN A 34 -18.63 1.18 16.48
C GLN A 34 -18.42 1.34 14.96
N ASN A 35 -18.60 2.57 14.48
CA ASN A 35 -18.39 2.90 13.07
C ASN A 35 -19.16 2.00 12.09
N PRO A 36 -20.49 1.86 12.28
CA PRO A 36 -21.25 0.92 11.47
C PRO A 36 -21.31 1.26 9.97
N ASN A 37 -21.17 2.54 9.62
CA ASN A 37 -21.16 2.94 8.21
C ASN A 37 -19.77 2.77 7.57
N CYS A 38 -18.79 2.34 8.36
CA CYS A 38 -17.45 2.04 7.82
C CYS A 38 -16.75 3.27 7.24
N ASN A 39 -16.91 4.41 7.90
CA ASN A 39 -16.20 5.64 7.51
C ASN A 39 -14.71 5.59 7.82
N ILE A 40 -13.91 6.22 6.99
CA ILE A 40 -12.49 6.41 7.30
C ILE A 40 -12.36 7.37 8.48
N MET A 41 -11.73 6.91 9.55
CA MET A 41 -11.52 7.71 10.74
C MET A 41 -10.13 8.36 10.76
N ILE A 42 -10.03 9.53 11.38
CA ILE A 42 -8.78 10.28 11.47
C ILE A 42 -8.46 10.46 12.96
N PHE A 43 -7.23 10.12 13.34
CA PHE A 43 -6.81 10.15 14.74
C PHE A 43 -5.71 11.17 14.98
N HIS A 44 -5.76 11.79 16.16
CA HIS A 44 -4.77 12.77 16.58
C HIS A 44 -4.17 12.38 17.93
N PRO A 45 -3.31 11.35 17.96
CA PRO A 45 -2.72 10.93 19.23
C PRO A 45 -1.85 12.01 19.86
N THR A 46 -1.88 12.07 21.19
CA THR A 46 -0.97 12.91 21.94
C THR A 46 0.42 12.27 21.93
N LYS A 47 1.44 13.02 22.34
CA LYS A 47 2.78 12.45 22.39
C LYS A 47 2.85 11.25 23.35
N GLU A 48 2.08 11.28 24.43
CA GLU A 48 2.04 10.14 25.34
C GLU A 48 1.38 8.93 24.68
N GLU A 49 0.29 9.16 23.98
CA GLU A 49 -0.40 8.09 23.25
C GLU A 49 0.42 7.51 22.10
N PHE A 50 1.43 8.25 21.65
CA PHE A 50 2.24 7.87 20.49
C PHE A 50 3.41 6.96 20.90
N ASN A 51 3.52 6.65 22.18
CA ASN A 51 4.63 5.83 22.65
C ASN A 51 4.48 4.36 22.32
N ASP A 52 3.29 3.82 22.56
CA ASP A 52 3.03 2.39 22.45
C ASP A 52 2.23 2.10 21.18
N PHE A 53 2.94 1.66 20.14
CA PHE A 53 2.33 1.44 18.83
C PHE A 53 1.18 0.43 18.87
N ASP A 54 1.44 -0.76 19.40
N ASP A 54 1.43 -0.74 19.43
CA ASP A 54 0.42 -1.81 19.47
CA ASP A 54 0.43 -1.79 19.45
C ASP A 54 -0.82 -1.33 20.20
C ASP A 54 -0.82 -1.42 20.25
N LYS A 55 -0.63 -0.66 21.32
CA LYS A 55 -1.74 -0.18 22.13
CA LYS A 55 -1.75 -0.18 22.13
C LYS A 55 -2.61 0.80 21.34
N TYR A 56 -1.98 1.66 20.55
CA TYR A 56 -2.76 2.64 19.80
C TYR A 56 -3.53 1.99 18.65
N ILE A 57 -2.93 1.02 17.97
CA ILE A 57 -3.68 0.30 16.94
C ILE A 57 -4.91 -0.35 17.57
N ALA A 58 -4.73 -1.00 18.72
CA ALA A 58 -5.86 -1.62 19.43
C ALA A 58 -6.93 -0.57 19.81
N TYR A 59 -6.48 0.60 20.26
CA TYR A 59 -7.41 1.68 20.56
C TYR A 59 -8.23 2.09 19.31
N MET A 60 -7.55 2.28 18.19
N MET A 60 -7.56 2.29 18.18
CA MET A 60 -8.25 2.67 16.96
CA MET A 60 -8.26 2.67 16.96
C MET A 60 -9.32 1.64 16.59
C MET A 60 -9.34 1.64 16.63
N GLU A 61 -8.99 0.37 16.75
CA GLU A 61 -9.95 -0.69 16.47
C GLU A 61 -11.12 -0.69 17.48
N SER A 62 -10.85 -0.33 18.73
CA SER A 62 -11.92 -0.24 19.72
C SER A 62 -12.96 0.82 19.33
N GLN A 63 -12.54 1.77 18.50
CA GLN A 63 -13.42 2.83 18.02
C GLN A 63 -14.02 2.51 16.65
N GLY A 64 -13.73 1.31 16.13
CA GLY A 64 -14.30 0.86 14.87
C GLY A 64 -13.50 1.24 13.63
N ALA A 65 -12.27 1.71 13.80
CA ALA A 65 -11.50 2.22 12.66
C ALA A 65 -11.31 1.17 11.55
N HIS A 66 -11.09 -0.07 11.96
CA HIS A 66 -10.80 -1.13 10.98
C HIS A 66 -11.97 -1.38 10.03
N ARG A 67 -13.19 -1.02 10.43
CA ARG A 67 -14.33 -1.31 9.57
C ARG A 67 -14.23 -0.61 8.21
N ALA A 68 -13.54 0.53 8.16
CA ALA A 68 -13.34 1.25 6.91
C ALA A 68 -12.33 0.59 5.98
N GLY A 69 -11.37 -0.15 6.57
CA GLY A 69 -10.26 -0.71 5.81
C GLY A 69 -9.02 0.17 5.79
N LEU A 70 -9.18 1.44 6.21
CA LEU A 70 -8.12 2.45 6.14
C LEU A 70 -8.36 3.48 7.24
N ALA A 71 -7.30 3.95 7.91
CA ALA A 71 -7.39 5.06 8.86
C ALA A 71 -6.24 6.03 8.62
N LYS A 72 -6.45 7.31 8.96
CA LYS A 72 -5.37 8.30 8.95
C LYS A 72 -4.95 8.61 10.38
N ILE A 73 -3.64 8.71 10.61
CA ILE A 73 -3.10 9.11 11.89
C ILE A 73 -2.19 10.33 11.72
N ILE A 74 -2.56 11.43 12.36
CA ILE A 74 -1.76 12.64 12.32
C ILE A 74 -0.87 12.64 13.57
N PRO A 75 0.46 12.62 13.38
CA PRO A 75 1.35 12.54 14.55
C PRO A 75 1.26 13.79 15.43
N PRO A 76 1.62 13.66 16.70
CA PRO A 76 1.67 14.85 17.57
C PRO A 76 2.61 15.91 17.02
N LYS A 77 2.32 17.17 17.31
CA LYS A 77 3.07 18.28 16.75
C LYS A 77 4.55 18.25 17.16
N GLU A 78 4.85 17.57 18.26
CA GLU A 78 6.21 17.51 18.78
C GLU A 78 7.09 16.47 18.05
N TRP A 79 6.45 15.64 17.23
CA TRP A 79 7.14 14.50 16.61
C TRP A 79 7.71 14.84 15.25
N LYS A 80 8.81 14.19 14.90
CA LYS A 80 9.32 14.27 13.54
CA LYS A 80 9.43 14.31 13.57
C LYS A 80 10.01 12.97 13.13
N ALA A 81 9.92 12.64 11.84
CA ALA A 81 10.52 11.41 11.33
C ALA A 81 12.05 11.51 11.27
N ARG A 82 12.53 12.69 10.89
CA ARG A 82 13.96 12.97 10.79
C ARG A 82 14.11 14.50 10.75
N GLU A 83 15.33 15.00 10.84
CA GLU A 83 15.59 16.44 10.89
CA GLU A 83 15.54 16.44 10.91
CA GLU A 83 15.56 16.44 10.91
C GLU A 83 15.27 17.14 9.58
N THR A 84 15.84 16.65 8.49
N THR A 84 15.81 16.61 8.49
CA THR A 84 15.54 17.23 7.18
CA THR A 84 15.68 17.25 7.18
C THR A 84 15.60 16.17 6.09
C THR A 84 15.76 16.24 6.04
N TYR A 85 15.13 16.55 4.91
CA TYR A 85 15.20 15.69 3.74
C TYR A 85 16.16 16.27 2.68
N ASP A 86 17.04 17.17 3.11
CA ASP A 86 17.93 17.88 2.19
CA ASP A 86 17.89 17.86 2.15
C ASP A 86 18.99 17.01 1.55
N ASN A 87 19.23 15.81 2.11
CA ASN A 87 20.36 14.99 1.67
CA ASN A 87 20.36 14.98 1.71
C ASN A 87 19.99 13.63 1.10
N ILE A 88 18.81 13.54 0.48
CA ILE A 88 18.33 12.25 -0.03
C ILE A 88 18.53 12.04 -1.54
N SER A 89 19.17 13.00 -2.21
CA SER A 89 19.20 12.99 -3.67
C SER A 89 20.04 11.87 -4.28
N GLU A 90 20.94 11.30 -3.48
CA GLU A 90 21.85 10.26 -3.99
C GLU A 90 21.34 8.83 -3.76
N ILE A 91 20.16 8.69 -3.15
CA ILE A 91 19.49 7.39 -3.11
C ILE A 91 19.29 6.92 -4.57
N LEU A 92 19.53 5.64 -4.83
CA LEU A 92 19.36 5.09 -6.18
C LEU A 92 18.01 4.40 -6.33
N ILE A 93 17.32 4.71 -7.42
CA ILE A 93 16.16 3.94 -7.87
C ILE A 93 16.69 3.00 -8.95
N ALA A 94 17.04 1.78 -8.56
CA ALA A 94 17.70 0.84 -9.46
C ALA A 94 16.84 0.44 -10.65
N THR A 95 15.53 0.35 -10.42
CA THR A 95 14.62 -0.10 -11.46
C THR A 95 13.33 0.73 -11.47
N PRO A 96 13.40 1.96 -12.01
CA PRO A 96 12.18 2.75 -12.14
C PRO A 96 11.19 2.03 -13.05
N LEU A 97 9.90 2.17 -12.77
CA LEU A 97 8.85 1.45 -13.52
C LEU A 97 7.93 2.40 -14.29
N GLN A 98 7.89 2.25 -15.61
CA GLN A 98 6.97 3.03 -16.43
C GLN A 98 5.63 2.31 -16.45
N GLN A 99 4.58 3.00 -16.00
CA GLN A 99 3.27 2.38 -15.79
C GLN A 99 2.36 2.60 -17.00
N VAL A 100 2.32 1.63 -17.89
CA VAL A 100 1.62 1.75 -19.16
C VAL A 100 0.20 1.16 -19.06
N ALA A 101 -0.81 1.94 -19.40
CA ALA A 101 -2.21 1.50 -19.26
C ALA A 101 -2.82 0.90 -20.52
N SER A 102 -3.78 0.01 -20.31
CA SER A 102 -4.62 -0.52 -21.38
C SER A 102 -6.05 -0.60 -20.91
N GLY A 103 -6.99 -0.20 -21.77
CA GLY A 103 -8.39 -0.29 -21.42
C GLY A 103 -9.09 1.03 -21.61
N ARG A 104 -10.09 1.27 -20.76
N ARG A 104 -10.13 1.26 -20.81
CA ARG A 104 -10.89 2.48 -20.81
CA ARG A 104 -10.90 2.51 -20.84
C ARG A 104 -10.53 3.36 -19.62
C ARG A 104 -10.62 3.33 -19.59
N ALA A 105 -10.99 4.61 -19.64
CA ALA A 105 -10.60 5.56 -18.61
C ALA A 105 -10.92 5.10 -17.20
N GLY A 106 -12.08 4.47 -17.03
CA GLY A 106 -12.51 4.02 -15.72
C GLY A 106 -12.29 2.54 -15.39
N VAL A 107 -11.83 1.76 -16.36
CA VAL A 107 -11.57 0.33 -16.17
C VAL A 107 -10.37 -0.04 -17.02
N PHE A 108 -9.22 -0.20 -16.37
CA PHE A 108 -7.99 -0.43 -17.11
C PHE A 108 -7.02 -1.27 -16.30
N THR A 109 -6.05 -1.85 -16.99
CA THR A 109 -4.92 -2.46 -16.31
C THR A 109 -3.66 -1.66 -16.62
N GLN A 110 -2.62 -1.86 -15.81
CA GLN A 110 -1.33 -1.27 -16.09
C GLN A 110 -0.24 -2.32 -16.01
N TYR A 111 0.72 -2.23 -16.90
CA TYR A 111 1.91 -3.08 -16.79
C TYR A 111 3.12 -2.20 -16.54
N HIS A 112 4.14 -2.81 -15.95
CA HIS A 112 5.32 -2.08 -15.54
CA HIS A 112 5.32 -2.08 -15.55
C HIS A 112 6.49 -2.39 -16.46
N LYS A 113 6.92 -1.38 -17.20
CA LYS A 113 8.07 -1.49 -18.08
C LYS A 113 9.31 -0.99 -17.33
N LYS A 114 10.33 -1.84 -17.22
CA LYS A 114 11.55 -1.46 -16.51
C LYS A 114 12.36 -0.41 -17.27
N LYS A 115 12.82 0.59 -16.55
CA LYS A 115 13.65 1.66 -17.13
C LYS A 115 15.05 1.63 -16.51
N LYS A 116 15.98 2.38 -17.10
CA LYS A 116 17.33 2.47 -16.56
C LYS A 116 17.38 3.18 -15.21
N ALA A 117 18.36 2.80 -14.40
CA ALA A 117 18.50 3.34 -13.05
C ALA A 117 18.69 4.85 -13.04
N MET A 118 18.18 5.50 -12.00
N MET A 118 18.12 5.50 -12.02
CA MET A 118 18.43 6.92 -11.82
CA MET A 118 18.30 6.93 -11.79
C MET A 118 18.40 7.25 -10.33
C MET A 118 18.49 7.17 -10.30
N THR A 119 19.08 8.31 -9.94
CA THR A 119 19.07 8.75 -8.55
C THR A 119 17.75 9.47 -8.25
N VAL A 120 17.47 9.63 -6.96
CA VAL A 120 16.29 10.37 -6.54
C VAL A 120 16.35 11.83 -7.05
N GLY A 121 17.53 12.43 -7.07
CA GLY A 121 17.66 13.77 -7.63
C GLY A 121 17.27 13.83 -9.10
N GLU A 122 17.72 12.85 -9.87
CA GLU A 122 17.36 12.76 -11.28
C GLU A 122 15.85 12.51 -11.45
N TYR A 123 15.30 11.65 -10.61
CA TYR A 123 13.88 11.32 -10.64
C TYR A 123 13.02 12.55 -10.33
N ARG A 124 13.42 13.31 -9.32
N ARG A 124 13.41 13.31 -9.31
CA ARG A 124 12.71 14.53 -8.96
CA ARG A 124 12.67 14.54 -8.98
C ARG A 124 12.68 15.53 -10.12
C ARG A 124 12.66 15.50 -10.17
N HIS A 125 13.82 15.68 -10.79
CA HIS A 125 13.90 16.54 -11.96
C HIS A 125 12.96 16.07 -13.08
N LEU A 126 12.94 14.75 -13.30
CA LEU A 126 12.04 14.17 -14.30
C LEU A 126 10.57 14.41 -13.94
N ALA A 127 10.21 14.18 -12.67
CA ALA A 127 8.86 14.40 -12.20
C ALA A 127 8.37 15.83 -12.45
N ASN A 128 9.30 16.78 -12.32
CA ASN A 128 8.98 18.20 -12.43
C ASN A 128 9.08 18.74 -13.86
N SER A 129 9.48 17.88 -14.80
CA SER A 129 9.61 18.30 -16.19
C SER A 129 8.24 18.55 -16.82
N LYS A 130 8.21 19.26 -17.94
CA LYS A 130 6.93 19.57 -18.59
C LYS A 130 6.13 18.30 -18.92
N LYS A 131 6.81 17.24 -19.34
CA LYS A 131 6.15 16.00 -19.74
C LYS A 131 5.39 15.34 -18.59
N TYR A 132 5.93 15.42 -17.38
CA TYR A 132 5.44 14.64 -16.25
C TYR A 132 4.83 15.43 -15.09
N GLN A 133 5.00 16.75 -15.09
N GLN A 133 4.99 16.75 -15.10
CA GLN A 133 4.56 17.56 -13.96
CA GLN A 133 4.56 17.56 -13.96
C GLN A 133 3.04 17.63 -13.80
C GLN A 133 3.04 17.64 -13.79
N THR A 134 2.61 17.81 -12.55
CA THR A 134 1.19 18.02 -12.23
C THR A 134 0.64 19.21 -13.01
N PRO A 135 -0.53 19.05 -13.63
CA PRO A 135 -1.13 20.17 -14.37
C PRO A 135 -1.73 21.21 -13.45
N PRO A 136 -1.95 22.43 -13.98
CA PRO A 136 -2.69 23.43 -13.21
C PRO A 136 -4.04 22.86 -12.79
N HIS A 137 -4.50 23.18 -11.59
CA HIS A 137 -5.75 22.64 -11.08
C HIS A 137 -6.25 23.52 -9.94
N GLN A 138 -7.53 23.43 -9.65
CA GLN A 138 -8.17 24.30 -8.65
C GLN A 138 -8.01 23.81 -7.22
N ASN A 139 -8.09 22.49 -7.03
CA ASN A 139 -8.10 21.86 -5.72
C ASN A 139 -7.93 20.34 -5.86
N PHE A 140 -8.00 19.60 -4.76
CA PHE A 140 -7.83 18.14 -4.83
C PHE A 140 -8.90 17.49 -5.72
N GLU A 141 -10.13 17.98 -5.64
CA GLU A 141 -11.26 17.41 -6.38
C GLU A 141 -11.07 17.58 -7.90
N ASP A 142 -10.60 18.75 -8.30
CA ASP A 142 -10.33 19.04 -9.71
C ASP A 142 -9.22 18.11 -10.19
N LEU A 143 -8.18 17.94 -9.38
CA LEU A 143 -7.08 17.07 -9.75
C LEU A 143 -7.54 15.61 -9.87
N GLU A 144 -8.42 15.18 -8.96
CA GLU A 144 -9.00 13.83 -9.02
C GLU A 144 -9.77 13.61 -10.33
N ARG A 145 -10.56 14.59 -10.73
N ARG A 145 -10.55 14.59 -10.72
CA ARG A 145 -11.28 14.49 -12.00
CA ARG A 145 -11.29 14.55 -11.98
C ARG A 145 -10.32 14.35 -13.17
C ARG A 145 -10.34 14.37 -13.16
N LYS A 146 -9.27 15.17 -13.18
CA LYS A 146 -8.28 15.09 -14.24
C LYS A 146 -7.59 13.72 -14.26
N TYR A 147 -7.26 13.19 -13.08
CA TYR A 147 -6.64 11.88 -13.00
C TYR A 147 -7.49 10.82 -13.71
N TRP A 148 -8.77 10.70 -13.34
CA TRP A 148 -9.59 9.63 -13.90
C TRP A 148 -9.96 9.87 -15.36
N LYS A 149 -9.99 11.12 -15.79
CA LYS A 149 -10.26 11.45 -17.17
CA LYS A 149 -10.26 11.44 -17.17
C LYS A 149 -9.09 11.08 -18.07
N ASN A 150 -7.88 11.36 -17.60
CA ASN A 150 -6.69 11.33 -18.46
C ASN A 150 -5.58 10.34 -18.13
N ARG A 151 -5.69 9.61 -17.02
CA ARG A 151 -4.61 8.70 -16.61
C ARG A 151 -4.17 7.77 -17.72
N ILE A 152 -5.11 7.17 -18.45
CA ILE A 152 -4.71 6.11 -19.38
C ILE A 152 -3.87 6.62 -20.56
N TYR A 153 -3.91 7.93 -20.79
CA TYR A 153 -3.22 8.51 -21.95
C TYR A 153 -1.77 8.89 -21.67
N ASN A 154 -1.30 8.58 -20.46
CA ASN A 154 0.08 8.87 -20.08
C ASN A 154 0.71 7.65 -19.41
N SER A 155 2.04 7.63 -19.33
CA SER A 155 2.74 6.53 -18.69
CA SER A 155 2.74 6.53 -18.68
C SER A 155 3.77 7.06 -17.69
N PRO A 156 3.32 7.42 -16.50
CA PRO A 156 4.24 7.98 -15.49
C PRO A 156 5.23 6.92 -15.01
N ILE A 157 6.32 7.38 -14.42
CA ILE A 157 7.39 6.49 -13.95
C ILE A 157 7.41 6.52 -12.43
N TYR A 158 7.29 5.32 -11.84
N TYR A 158 7.51 5.36 -11.79
CA TYR A 158 7.17 5.14 -10.39
CA TYR A 158 7.68 5.38 -10.34
C TYR A 158 8.48 4.54 -9.84
C TYR A 158 8.65 4.34 -9.77
N GLY A 159 9.04 5.19 -8.84
N GLY A 159 9.30 4.71 -8.68
CA GLY A 159 10.18 4.65 -8.12
CA GLY A 159 10.19 3.82 -7.96
C GLY A 159 9.72 3.84 -6.93
C GLY A 159 9.44 3.07 -6.87
N ALA A 160 9.00 2.74 -7.20
N ALA A 160 9.44 1.74 -6.96
CA ALA A 160 8.36 1.97 -6.15
CA ALA A 160 8.59 0.94 -6.08
C ALA A 160 9.23 0.81 -5.66
C ALA A 160 9.38 -0.10 -5.32
N ASP A 161 8.91 0.33 -4.46
N ASP A 161 8.92 -0.37 -4.10
CA ASP A 161 9.45 -0.94 -3.94
CA ASP A 161 9.50 -1.42 -3.27
C ASP A 161 10.98 -0.99 -3.75
C ASP A 161 11.03 -1.26 -3.19
N ILE A 162 11.51 -0.03 -2.99
CA ILE A 162 12.93 0.15 -2.78
C ILE A 162 13.22 -0.14 -1.31
N SER A 163 13.94 -1.23 -1.02
N SER A 163 13.98 -1.20 -1.03
CA SER A 163 14.25 -1.55 0.37
CA SER A 163 14.31 -1.55 0.34
C SER A 163 15.07 -0.44 1.03
C SER A 163 15.08 -0.42 1.03
N GLY A 164 14.60 0.05 2.17
CA GLY A 164 15.28 1.11 2.90
C GLY A 164 14.36 1.87 3.82
N SER A 165 14.92 2.86 4.53
CA SER A 165 14.14 3.69 5.46
C SER A 165 14.69 5.11 5.51
N LEU A 166 13.79 6.07 5.72
CA LEU A 166 14.19 7.47 5.92
C LEU A 166 13.95 7.94 7.34
N PHE A 167 13.54 7.04 8.23
CA PHE A 167 13.41 7.41 9.64
C PHE A 167 14.78 7.50 10.30
N ASP A 168 15.01 8.58 11.05
CA ASP A 168 16.22 8.72 11.85
C ASP A 168 16.26 7.61 12.89
N GLU A 169 17.42 7.01 13.11
CA GLU A 169 17.52 5.91 14.07
C GLU A 169 17.12 6.37 15.49
N ASN A 170 17.22 7.67 15.75
CA ASN A 170 16.87 8.22 17.06
C ASN A 170 15.38 8.53 17.22
N THR A 171 14.61 8.36 16.15
CA THR A 171 13.16 8.52 16.25
C THR A 171 12.59 7.26 16.89
N LYS A 172 12.09 7.38 18.11
CA LYS A 172 11.66 6.22 18.87
C LYS A 172 10.20 5.83 18.68
N GLN A 173 9.36 6.80 18.29
CA GLN A 173 7.93 6.56 18.13
C GLN A 173 7.55 6.40 16.67
N TRP A 174 6.79 5.34 16.38
CA TRP A 174 6.24 5.12 15.03
C TRP A 174 7.33 5.13 13.95
N ASN A 175 8.48 4.55 14.30
CA ASN A 175 9.59 4.38 13.36
C ASN A 175 9.35 3.08 12.62
N LEU A 176 9.04 3.18 11.33
CA LEU A 176 8.64 2.01 10.56
C LEU A 176 9.74 0.96 10.36
N GLY A 177 10.99 1.31 10.69
CA GLY A 177 12.07 0.35 10.69
C GLY A 177 12.33 -0.31 12.03
N HIS A 178 11.54 0.06 13.06
CA HIS A 178 11.72 -0.49 14.40
C HIS A 178 10.47 -1.17 14.94
N LEU A 179 9.55 -1.57 14.07
CA LEU A 179 8.33 -2.24 14.54
C LEU A 179 8.60 -3.70 14.90
N GLY A 180 7.78 -4.24 15.80
CA GLY A 180 7.79 -5.66 16.07
C GLY A 180 7.51 -6.43 14.80
N THR A 181 8.18 -7.56 14.60
CA THR A 181 8.09 -8.28 13.34
C THR A 181 6.88 -9.19 13.26
N ILE A 182 6.43 -9.48 12.05
CA ILE A 182 5.31 -10.40 11.88
CA ILE A 182 5.30 -10.39 11.89
C ILE A 182 5.69 -11.80 12.34
N GLN A 183 6.95 -12.17 12.15
CA GLN A 183 7.42 -13.48 12.61
C GLN A 183 7.33 -13.59 14.14
N ASP A 184 7.70 -12.53 14.83
CA ASP A 184 7.57 -12.54 16.29
C ASP A 184 6.11 -12.53 16.74
N LEU A 185 5.23 -11.86 16.00
CA LEU A 185 3.81 -11.86 16.33
C LEU A 185 3.27 -13.29 16.21
N LEU A 186 3.57 -13.95 15.10
N LEU A 186 3.59 -13.95 15.10
CA LEU A 186 3.12 -15.33 14.94
CA LEU A 186 3.15 -15.32 14.88
C LEU A 186 3.62 -16.22 16.06
C LEU A 186 3.66 -16.27 15.97
N GLU A 187 4.88 -16.03 16.43
CA GLU A 187 5.45 -16.82 17.51
C GLU A 187 4.75 -16.56 18.84
N LYS A 188 4.49 -15.29 19.16
CA LYS A 188 3.81 -14.94 20.40
C LYS A 188 2.39 -15.51 20.45
N GLU A 189 1.70 -15.50 19.31
CA GLU A 189 0.30 -15.93 19.26
C GLU A 189 0.12 -17.44 19.15
N CYS A 190 0.99 -18.07 18.37
N CYS A 190 0.95 -18.10 18.35
CA CYS A 190 0.79 -19.47 17.97
CA CYS A 190 0.72 -19.53 18.10
C CYS A 190 1.88 -20.41 18.46
C CYS A 190 1.85 -20.44 18.56
N GLY A 191 2.94 -19.85 19.05
CA GLY A 191 4.02 -20.63 19.62
C GLY A 191 5.01 -21.23 18.66
N VAL A 192 4.91 -20.90 17.37
CA VAL A 192 5.84 -21.46 16.41
C VAL A 192 6.90 -20.44 15.99
N VAL A 193 8.13 -20.91 15.89
CA VAL A 193 9.23 -20.08 15.47
C VAL A 193 9.46 -20.32 13.98
N ILE A 194 9.56 -19.25 13.21
CA ILE A 194 9.75 -19.36 11.78
C ILE A 194 10.86 -18.44 11.26
N GLU A 195 11.44 -18.82 10.13
CA GLU A 195 12.39 -17.98 9.42
C GLU A 195 11.68 -16.78 8.81
N GLY A 196 12.46 -15.79 8.38
CA GLY A 196 11.94 -14.66 7.65
C GLY A 196 12.19 -13.34 8.35
N VAL A 197 12.21 -12.28 7.55
CA VAL A 197 12.39 -10.93 8.05
C VAL A 197 11.42 -10.01 7.34
N ASN A 198 11.33 -8.77 7.84
N ASN A 198 11.08 -8.89 7.96
CA ASN A 198 10.23 -7.85 7.60
CA ASN A 198 10.36 -7.89 7.21
C ASN A 198 10.73 -6.39 7.61
C ASN A 198 10.91 -6.54 7.53
N THR A 199 11.14 -5.82 6.45
CA THR A 199 11.75 -4.48 6.47
C THR A 199 10.96 -3.49 5.59
N PRO A 200 11.16 -2.17 5.82
CA PRO A 200 10.35 -1.20 5.07
C PRO A 200 10.77 -1.02 3.61
N TYR A 201 9.84 -0.49 2.82
N TYR A 201 9.86 -0.45 2.82
CA TYR A 201 10.04 -0.10 1.42
CA TYR A 201 10.15 -0.07 1.45
C TYR A 201 9.89 1.42 1.28
C TYR A 201 9.83 1.39 1.20
N LEU A 202 10.64 2.01 0.35
CA LEU A 202 10.43 3.40 -0.06
C LEU A 202 9.75 3.42 -1.44
N TYR A 203 8.94 4.47 -1.65
CA TYR A 203 8.21 4.67 -2.89
C TYR A 203 8.37 6.12 -3.31
N PHE A 204 9.04 6.34 -4.44
CA PHE A 204 9.16 7.68 -4.99
C PHE A 204 8.15 7.82 -6.13
N GLY A 205 7.25 8.79 -6.01
CA GLY A 205 6.15 8.93 -6.96
C GLY A 205 6.17 10.23 -7.73
N MET A 206 5.35 10.29 -8.77
CA MET A 206 5.14 11.51 -9.53
C MET A 206 3.65 11.58 -9.92
N TRP A 207 3.23 12.68 -10.52
CA TRP A 207 1.85 12.82 -10.98
C TRP A 207 1.39 11.59 -11.76
N LYS A 208 0.21 11.09 -11.40
CA LYS A 208 -0.44 9.96 -12.07
C LYS A 208 0.11 8.57 -11.73
N THR A 209 1.24 8.50 -11.02
CA THR A 209 1.72 7.23 -10.50
CA THR A 209 1.68 7.17 -10.59
C THR A 209 0.60 6.54 -9.72
N THR A 210 0.40 5.25 -9.94
CA THR A 210 -0.82 4.57 -9.52
C THR A 210 -0.55 3.29 -8.77
N PHE A 211 -1.29 3.05 -7.68
CA PHE A 211 -1.32 1.73 -7.07
C PHE A 211 -2.67 1.06 -7.34
N ALA A 212 -2.61 -0.13 -7.93
CA ALA A 212 -3.79 -0.89 -8.33
C ALA A 212 -4.56 -1.45 -7.12
N TRP A 213 -5.81 -1.86 -7.36
CA TRP A 213 -6.63 -2.47 -6.32
C TRP A 213 -5.98 -3.73 -5.73
N HIS A 214 -5.81 -3.76 -4.42
CA HIS A 214 -5.19 -4.92 -3.79
C HIS A 214 -5.46 -4.95 -2.29
N THR A 215 -5.33 -6.13 -1.69
CA THR A 215 -5.08 -6.23 -0.26
C THR A 215 -3.61 -6.60 -0.07
N GLU A 216 -3.13 -6.58 1.18
CA GLU A 216 -1.72 -6.92 1.44
C GLU A 216 -1.47 -8.41 1.32
N ASP A 217 -0.21 -8.79 1.13
CA ASP A 217 0.20 -10.19 1.18
C ASP A 217 -0.38 -10.81 2.45
N MET A 218 -1.01 -11.97 2.32
N MET A 218 -0.96 -12.01 2.34
CA MET A 218 -1.55 -12.69 3.45
CA MET A 218 -1.54 -12.70 3.50
C MET A 218 -2.57 -11.86 4.22
C MET A 218 -2.65 -11.91 4.20
N ASP A 219 -3.16 -10.88 3.53
CA ASP A 219 -4.13 -9.95 4.14
C ASP A 219 -3.63 -9.29 5.42
N LEU A 220 -2.33 -8.99 5.45
CA LEU A 220 -1.70 -8.28 6.55
C LEU A 220 -2.18 -6.82 6.65
N TYR A 221 -1.85 -6.16 7.76
CA TYR A 221 -1.98 -4.70 7.80
C TYR A 221 -0.84 -4.09 6.98
N SER A 222 -1.00 -2.83 6.61
CA SER A 222 0.13 -2.03 6.18
CA SER A 222 0.12 -2.02 6.17
C SER A 222 0.09 -0.67 6.89
N ILE A 223 1.25 -0.06 7.03
CA ILE A 223 1.33 1.32 7.50
C ILE A 223 2.22 2.08 6.54
N ASN A 224 1.79 3.30 6.19
CA ASN A 224 2.41 4.09 5.15
C ASN A 224 2.61 5.52 5.66
N TYR A 225 3.85 5.99 5.65
CA TYR A 225 4.17 7.36 6.05
C TYR A 225 4.57 8.18 4.82
N LEU A 226 3.91 9.32 4.60
CA LEU A 226 4.28 10.18 3.49
C LEU A 226 5.35 11.16 3.98
N HIS A 227 6.60 10.88 3.65
CA HIS A 227 7.73 11.66 4.17
C HIS A 227 7.77 13.09 3.63
N LEU A 228 7.49 13.26 2.34
N LEU A 228 7.48 13.25 2.35
CA LEU A 228 7.84 14.50 1.65
CA LEU A 228 7.71 14.54 1.71
C LEU A 228 7.11 14.64 0.32
C LEU A 228 6.94 14.64 0.41
N GLY A 229 6.74 15.87 -0.02
CA GLY A 229 6.20 16.13 -1.34
C GLY A 229 4.70 16.25 -1.44
N GLU A 230 4.19 15.96 -2.63
N GLU A 230 4.18 15.97 -2.63
CA GLU A 230 2.78 16.15 -2.94
CA GLU A 230 2.77 16.17 -2.93
C GLU A 230 1.91 15.01 -2.40
C GLU A 230 1.90 15.00 -2.43
N PRO A 231 0.59 15.23 -2.32
CA PRO A 231 -0.30 14.23 -1.69
C PRO A 231 -0.46 12.91 -2.43
N LYS A 232 -1.09 11.98 -1.71
CA LYS A 232 -1.47 10.67 -2.24
CA LYS A 232 -1.50 10.70 -2.28
C LYS A 232 -2.96 10.48 -1.96
N THR A 233 -3.77 10.23 -2.99
CA THR A 233 -5.19 9.94 -2.79
C THR A 233 -5.44 8.44 -2.74
N TRP A 234 -6.23 8.01 -1.76
CA TRP A 234 -6.55 6.61 -1.52
C TRP A 234 -8.04 6.34 -1.70
N TYR A 235 -8.35 5.15 -2.25
CA TYR A 235 -9.71 4.60 -2.27
C TYR A 235 -9.67 3.28 -1.49
N VAL A 236 -10.74 2.96 -0.78
CA VAL A 236 -10.74 1.74 0.05
C VAL A 236 -12.14 1.13 0.16
N VAL A 237 -12.22 -0.19 0.11
CA VAL A 237 -13.47 -0.92 0.31
C VAL A 237 -13.45 -1.55 1.71
N PRO A 238 -14.52 -1.37 2.50
CA PRO A 238 -14.57 -2.00 3.83
C PRO A 238 -14.28 -3.51 3.75
N PRO A 239 -13.47 -4.04 4.70
CA PRO A 239 -13.18 -5.49 4.66
C PRO A 239 -14.44 -6.36 4.60
N GLU A 240 -15.52 -5.96 5.27
CA GLU A 240 -16.73 -6.77 5.27
C GLU A 240 -17.39 -6.85 3.89
N HIS A 241 -16.95 -5.98 2.97
CA HIS A 241 -17.51 -5.94 1.62
C HIS A 241 -16.50 -6.27 0.52
N GLY A 242 -15.33 -6.78 0.91
CA GLY A 242 -14.29 -7.07 -0.07
C GLY A 242 -14.73 -8.00 -1.18
N GLN A 243 -15.57 -8.98 -0.86
CA GLN A 243 -15.99 -9.92 -1.89
CA GLN A 243 -16.04 -9.94 -1.87
C GLN A 243 -16.86 -9.26 -2.96
N ARG A 244 -17.54 -8.17 -2.62
CA ARG A 244 -18.29 -7.41 -3.63
C ARG A 244 -17.35 -6.81 -4.68
N LEU A 245 -16.21 -6.29 -4.23
CA LEU A 245 -15.21 -5.77 -5.16
C LEU A 245 -14.66 -6.90 -6.03
N GLU A 246 -14.38 -8.05 -5.41
CA GLU A 246 -13.88 -9.20 -6.16
C GLU A 246 -14.83 -9.63 -7.27
N ARG A 247 -16.12 -9.70 -6.94
CA ARG A 247 -17.13 -10.09 -7.93
C ARG A 247 -17.18 -9.12 -9.10
N LEU A 248 -17.15 -7.82 -8.81
CA LEU A 248 -17.13 -6.84 -9.89
C LEU A 248 -15.85 -6.97 -10.73
N ALA A 249 -14.72 -7.17 -10.07
CA ALA A 249 -13.45 -7.33 -10.79
C ALA A 249 -13.51 -8.52 -11.75
N ARG A 250 -14.13 -9.62 -11.31
N ARG A 250 -14.12 -9.63 -11.30
CA ARG A 250 -14.23 -10.80 -12.18
CA ARG A 250 -14.23 -10.80 -12.18
C ARG A 250 -15.10 -10.52 -13.41
C ARG A 250 -15.05 -10.46 -13.42
N GLU A 251 -16.10 -9.66 -13.25
CA GLU A 251 -16.95 -9.25 -14.36
C GLU A 251 -16.22 -8.30 -15.31
N LEU A 252 -15.41 -7.40 -14.75
CA LEU A 252 -14.76 -6.36 -15.55
C LEU A 252 -13.47 -6.81 -16.23
N PHE A 253 -12.84 -7.85 -15.70
CA PHE A 253 -11.60 -8.39 -16.26
C PHE A 253 -11.76 -9.89 -16.45
N PRO A 254 -12.65 -10.28 -17.38
CA PRO A 254 -13.05 -11.70 -17.46
C PRO A 254 -11.92 -12.67 -17.85
N GLY A 255 -11.07 -12.30 -18.80
CA GLY A 255 -9.94 -13.13 -19.15
C GLY A 255 -8.99 -13.34 -17.99
N SER A 256 -8.70 -12.27 -17.26
CA SER A 256 -7.82 -12.35 -16.10
C SER A 256 -8.38 -13.29 -15.04
N SER A 257 -9.69 -13.21 -14.86
CA SER A 257 -10.38 -14.05 -13.88
C SER A 257 -10.28 -15.52 -14.24
N ARG A 258 -10.43 -15.85 -15.52
CA ARG A 258 -10.30 -17.23 -15.95
C ARG A 258 -8.89 -17.78 -15.73
N GLY A 259 -7.90 -16.90 -15.82
CA GLY A 259 -6.50 -17.30 -15.70
C GLY A 259 -6.01 -17.51 -14.28
N CYS A 260 -6.70 -16.89 -13.32
CA CYS A 260 -6.27 -16.96 -11.92
C CYS A 260 -7.42 -16.69 -10.96
N GLY A 261 -7.56 -17.57 -9.96
CA GLY A 261 -8.62 -17.43 -8.96
C GLY A 261 -8.45 -16.29 -7.98
N ALA A 262 -7.29 -15.65 -8.01
CA ALA A 262 -7.02 -14.49 -7.15
C ALA A 262 -6.21 -13.44 -7.92
N PHE A 263 -6.68 -13.06 -9.10
CA PHE A 263 -5.88 -12.20 -9.97
C PHE A 263 -5.65 -10.78 -9.44
N LEU A 264 -6.44 -10.34 -8.47
CA LEU A 264 -6.15 -9.03 -7.89
C LEU A 264 -4.78 -9.02 -7.17
N ARG A 265 -4.30 -10.22 -6.81
CA ARG A 265 -2.96 -10.38 -6.25
C ARG A 265 -1.87 -9.92 -7.24
N HIS A 266 -2.21 -9.82 -8.53
CA HIS A 266 -1.23 -9.38 -9.51
C HIS A 266 -0.99 -7.88 -9.43
N LYS A 267 -1.91 -7.17 -8.77
CA LYS A 267 -1.79 -5.73 -8.56
C LYS A 267 -1.62 -4.94 -9.85
N VAL A 268 -2.54 -5.17 -10.80
CA VAL A 268 -2.52 -4.44 -12.07
C VAL A 268 -3.87 -3.85 -12.49
N ALA A 269 -4.94 -4.08 -11.72
CA ALA A 269 -6.28 -3.66 -12.15
C ALA A 269 -6.76 -2.37 -11.49
N LEU A 270 -7.29 -1.47 -12.30
CA LEU A 270 -7.88 -0.22 -11.79
C LEU A 270 -9.35 -0.12 -12.17
N ILE A 271 -10.15 0.36 -11.21
CA ILE A 271 -11.57 0.63 -11.41
C ILE A 271 -11.84 1.98 -10.75
N SER A 272 -12.46 2.90 -11.48
CA SER A 272 -12.66 4.28 -10.99
C SER A 272 -13.78 4.39 -9.97
N PRO A 273 -13.79 5.47 -9.17
CA PRO A 273 -14.91 5.67 -8.23
C PRO A 273 -16.26 5.76 -8.95
N THR A 274 -16.30 6.31 -10.16
CA THR A 274 -17.55 6.38 -10.91
C THR A 274 -18.08 4.99 -11.23
N VAL A 275 -17.19 4.11 -11.67
CA VAL A 275 -17.59 2.74 -11.98
C VAL A 275 -18.00 1.96 -10.72
N LEU A 276 -17.28 2.16 -9.61
CA LEU A 276 -17.67 1.53 -8.35
C LEU A 276 -19.09 1.98 -7.95
N LYS A 277 -19.35 3.29 -8.04
CA LYS A 277 -20.68 3.81 -7.72
C LYS A 277 -21.76 3.23 -8.62
N GLU A 278 -21.49 3.16 -9.93
CA GLU A 278 -22.46 2.62 -10.87
C GLU A 278 -22.84 1.19 -10.53
N ASN A 279 -21.91 0.47 -9.91
CA ASN A 279 -22.09 -0.93 -9.56
C ASN A 279 -22.43 -1.18 -8.10
N GLY A 280 -22.69 -0.09 -7.37
CA GLY A 280 -23.10 -0.21 -5.98
C GLY A 280 -22.06 -0.77 -5.03
N ILE A 281 -20.77 -0.64 -5.36
CA ILE A 281 -19.73 -1.13 -4.46
C ILE A 281 -19.46 -0.11 -3.35
N PRO A 282 -19.58 -0.52 -2.08
CA PRO A 282 -19.28 0.42 -1.00
C PRO A 282 -17.78 0.76 -0.96
N PHE A 283 -17.46 2.05 -0.89
CA PHE A 283 -16.06 2.48 -0.78
C PHE A 283 -15.98 3.88 -0.18
N ASN A 284 -14.77 4.26 0.22
CA ASN A 284 -14.49 5.62 0.67
C ASN A 284 -13.21 6.13 0.04
N ARG A 285 -12.98 7.42 0.17
CA ARG A 285 -11.75 8.02 -0.34
C ARG A 285 -11.22 9.05 0.64
N ILE A 286 -9.91 9.27 0.59
CA ILE A 286 -9.27 10.28 1.42
C ILE A 286 -7.92 10.64 0.83
N THR A 287 -7.46 11.87 1.06
CA THR A 287 -6.15 12.28 0.57
C THR A 287 -5.19 12.43 1.74
N GLN A 288 -4.04 11.77 1.62
CA GLN A 288 -2.95 11.80 2.59
C GLN A 288 -1.95 12.88 2.20
N GLU A 289 -1.54 13.71 3.16
CA GLU A 289 -0.56 14.76 2.91
C GLU A 289 0.76 14.46 3.64
N ALA A 290 1.83 15.14 3.23
CA ALA A 290 3.13 14.94 3.84
C ALA A 290 3.06 15.10 5.36
N GLY A 291 3.70 14.19 6.08
CA GLY A 291 3.71 14.20 7.53
C GLY A 291 2.62 13.36 8.17
N GLU A 292 1.83 12.65 7.36
CA GLU A 292 0.71 11.85 7.86
C GLU A 292 0.91 10.36 7.62
N PHE A 293 0.45 9.54 8.56
CA PHE A 293 0.43 8.08 8.42
C PHE A 293 -0.95 7.61 7.95
N MET A 294 -0.95 6.56 7.13
CA MET A 294 -2.17 5.80 6.84
C MET A 294 -1.93 4.36 7.28
N VAL A 295 -2.96 3.73 7.85
CA VAL A 295 -2.92 2.29 8.14
C VAL A 295 -4.01 1.60 7.34
N THR A 296 -3.64 0.54 6.62
CA THR A 296 -4.65 -0.33 6.01
C THR A 296 -4.83 -1.56 6.89
N PHE A 297 -6.07 -2.03 6.97
CA PHE A 297 -6.44 -3.11 7.86
C PHE A 297 -6.62 -4.42 7.07
N PRO A 298 -6.50 -5.56 7.75
CA PRO A 298 -6.61 -6.86 7.05
C PRO A 298 -7.82 -6.94 6.11
N TYR A 299 -7.54 -7.31 4.85
CA TYR A 299 -8.56 -7.52 3.83
C TYR A 299 -9.28 -6.23 3.42
N GLY A 300 -8.64 -5.08 3.65
CA GLY A 300 -9.14 -3.81 3.16
C GLY A 300 -8.55 -3.50 1.80
N TYR A 301 -9.32 -3.75 0.73
CA TYR A 301 -8.87 -3.43 -0.62
C TYR A 301 -8.63 -1.94 -0.76
N HIS A 302 -7.50 -1.57 -1.37
CA HIS A 302 -7.20 -0.17 -1.60
C HIS A 302 -6.49 0.06 -2.94
N ALA A 303 -6.60 1.28 -3.44
CA ALA A 303 -5.99 1.73 -4.70
C ALA A 303 -5.79 3.23 -4.57
N GLY A 304 -5.00 3.83 -5.47
CA GLY A 304 -4.86 5.28 -5.42
C GLY A 304 -3.81 5.83 -6.34
N PHE A 305 -3.49 7.10 -6.17
CA PHE A 305 -2.56 7.77 -7.09
C PHE A 305 -1.85 8.92 -6.38
N ASN A 306 -0.69 9.29 -6.92
CA ASN A 306 0.10 10.41 -6.40
C ASN A 306 -0.18 11.70 -7.18
N HIS A 307 -0.17 12.82 -6.47
CA HIS A 307 -0.48 14.13 -7.04
C HIS A 307 0.71 14.78 -7.76
N GLY A 308 1.93 14.35 -7.46
CA GLY A 308 3.14 15.00 -7.93
C GLY A 308 4.32 14.33 -7.24
N PHE A 309 5.52 14.89 -7.38
CA PHE A 309 6.70 14.27 -6.77
C PHE A 309 6.50 14.08 -5.27
N ASN A 310 6.73 12.85 -4.80
CA ASN A 310 6.68 12.56 -3.38
C ASN A 310 7.50 11.35 -2.99
N CYS A 311 7.60 11.10 -1.69
CA CYS A 311 8.27 9.91 -1.17
C CYS A 311 7.52 9.39 0.02
N ALA A 312 7.14 8.12 -0.04
CA ALA A 312 6.45 7.43 1.05
C ALA A 312 7.28 6.23 1.51
N GLU A 313 7.08 5.81 2.75
CA GLU A 313 7.70 4.61 3.28
C GLU A 313 6.60 3.74 3.85
N ALA A 314 6.65 2.43 3.58
CA ALA A 314 5.59 1.55 4.05
C ALA A 314 6.14 0.18 4.45
N ILE A 315 5.42 -0.50 5.33
CA ILE A 315 5.78 -1.84 5.76
C ILE A 315 4.50 -2.57 6.18
N ASN A 316 4.51 -3.90 6.04
CA ASN A 316 3.44 -4.72 6.60
C ASN A 316 3.65 -5.00 8.07
N PHE A 317 2.55 -5.18 8.81
CA PHE A 317 2.64 -5.62 10.20
C PHE A 317 1.42 -6.45 10.55
N ALA A 318 1.48 -7.09 11.72
CA ALA A 318 0.42 -7.96 12.20
C ALA A 318 0.04 -7.62 13.63
N THR A 319 -1.17 -8.04 14.02
CA THR A 319 -1.65 -8.00 15.40
C THR A 319 -2.33 -9.34 15.66
N PRO A 320 -2.74 -9.60 16.92
CA PRO A 320 -3.45 -10.87 17.15
C PRO A 320 -4.70 -11.03 16.28
N ARG A 321 -5.42 -9.95 16.00
CA ARG A 321 -6.63 -10.03 15.18
C ARG A 321 -6.34 -10.44 13.73
N TRP A 322 -5.11 -10.21 13.26
CA TRP A 322 -4.75 -10.60 11.90
C TRP A 322 -4.77 -12.11 11.65
N ILE A 323 -4.43 -12.90 12.67
CA ILE A 323 -4.16 -14.33 12.45
C ILE A 323 -5.29 -15.02 11.68
N ASP A 324 -6.54 -14.75 12.07
CA ASP A 324 -7.66 -15.38 11.37
C ASP A 324 -7.79 -14.93 9.90
N TYR A 325 -7.41 -13.70 9.60
CA TYR A 325 -7.38 -13.24 8.22
C TYR A 325 -6.26 -13.94 7.43
N GLY A 326 -5.10 -14.10 8.04
CA GLY A 326 -4.00 -14.79 7.39
C GLY A 326 -4.38 -16.22 7.01
N LYS A 327 -5.09 -16.89 7.89
CA LYS A 327 -5.54 -18.25 7.64
C LYS A 327 -6.45 -18.36 6.42
N MET A 328 -7.22 -17.30 6.17
CA MET A 328 -8.24 -17.33 5.14
C MET A 328 -7.84 -16.64 3.85
N ALA A 329 -6.64 -16.04 3.81
CA ALA A 329 -6.22 -15.23 2.67
C ALA A 329 -6.20 -16.03 1.37
N SER A 330 -6.75 -15.45 0.30
N SER A 330 -6.76 -15.45 0.31
CA SER A 330 -6.73 -16.10 -1.01
CA SER A 330 -6.68 -16.03 -1.01
C SER A 330 -5.41 -15.86 -1.73
C SER A 330 -5.23 -16.01 -1.46
N GLN A 331 -4.89 -16.91 -2.38
CA GLN A 331 -3.56 -16.88 -2.98
C GLN A 331 -3.59 -17.00 -4.49
N CYS A 332 -2.66 -16.31 -5.13
N CYS A 332 -2.68 -16.33 -5.17
CA CYS A 332 -2.39 -16.48 -6.55
CA CYS A 332 -2.53 -16.45 -6.62
C CYS A 332 -1.49 -17.71 -6.75
C CYS A 332 -2.29 -17.91 -7.01
N SER A 333 -1.97 -18.67 -7.54
N SER A 333 -3.01 -18.38 -8.03
CA SER A 333 -1.18 -19.84 -7.86
CA SER A 333 -2.96 -19.80 -8.40
C SER A 333 -0.89 -19.97 -9.35
C SER A 333 -2.24 -20.04 -9.72
N CYS A 334 -1.45 -19.08 -10.18
CA CYS A 334 -1.03 -19.05 -11.59
C CYS A 334 0.44 -18.69 -11.74
N GLY A 335 1.03 -18.15 -10.68
CA GLY A 335 2.44 -17.84 -10.68
C GLY A 335 2.80 -16.41 -11.01
N GLU A 336 1.81 -15.60 -11.39
CA GLU A 336 2.07 -14.21 -11.74
C GLU A 336 2.48 -13.38 -10.54
N ALA A 337 1.80 -13.59 -9.40
CA ALA A 337 1.98 -12.73 -8.23
C ALA A 337 3.40 -12.70 -7.69
N ARG A 338 4.01 -13.88 -7.51
CA ARG A 338 5.41 -14.00 -7.09
C ARG A 338 5.80 -13.10 -5.92
N VAL A 339 5.84 -13.67 -4.71
CA VAL A 339 6.01 -12.87 -3.51
C VAL A 339 7.30 -13.11 -2.73
N THR A 340 7.35 -12.54 -1.53
CA THR A 340 8.55 -12.53 -0.69
C THR A 340 8.88 -13.89 -0.10
N PHE A 341 10.12 -14.14 0.28
N PHE A 341 10.16 -14.03 0.22
CA PHE A 341 10.36 -15.44 0.91
CA PHE A 341 10.74 -15.16 0.92
C PHE A 341 9.86 -15.47 2.36
C PHE A 341 9.97 -15.45 2.20
N SER A 342 9.51 -14.31 2.89
N SER A 342 9.59 -14.40 2.90
CA SER A 342 8.86 -14.23 4.19
CA SER A 342 8.95 -14.56 4.21
C SER A 342 7.50 -14.91 4.12
C SER A 342 7.51 -15.05 4.10
N MET A 343 6.88 -14.85 2.95
CA MET A 343 5.52 -15.35 2.77
CA MET A 343 5.52 -15.34 2.77
C MET A 343 5.44 -16.87 2.83
N ASP A 344 6.52 -17.54 2.45
CA ASP A 344 6.56 -19.00 2.46
C ASP A 344 6.13 -19.55 3.81
N ALA A 345 6.74 -19.06 4.88
CA ALA A 345 6.46 -19.56 6.21
C ALA A 345 5.03 -19.28 6.63
N PHE A 346 4.50 -18.11 6.26
N PHE A 346 4.48 -18.14 6.23
CA PHE A 346 3.12 -17.77 6.59
CA PHE A 346 3.11 -17.81 6.62
C PHE A 346 2.16 -18.80 5.98
C PHE A 346 2.08 -18.72 5.95
N VAL A 347 2.34 -19.09 4.69
CA VAL A 347 1.48 -20.05 4.00
C VAL A 347 1.69 -21.44 4.60
N ARG A 348 2.94 -21.80 4.85
CA ARG A 348 3.27 -23.14 5.36
C ARG A 348 2.57 -23.42 6.71
N ILE A 349 2.60 -22.44 7.60
CA ILE A 349 2.04 -22.62 8.93
C ILE A 349 0.53 -22.35 8.98
N LEU A 350 0.07 -21.28 8.33
CA LEU A 350 -1.35 -20.92 8.44
C LEU A 350 -2.24 -21.62 7.43
N GLN A 351 -1.66 -22.04 6.31
N GLN A 351 -1.68 -22.02 6.29
CA GLN A 351 -2.43 -22.63 5.20
CA GLN A 351 -2.46 -22.66 5.23
C GLN A 351 -1.79 -23.92 4.68
C GLN A 351 -1.75 -23.90 4.71
N PRO A 352 -1.54 -24.90 5.58
CA PRO A 352 -0.79 -26.09 5.16
C PRO A 352 -1.39 -26.84 3.97
N GLU A 353 -2.71 -26.89 3.83
CA GLU A 353 -3.30 -27.55 2.67
CA GLU A 353 -3.27 -27.56 2.67
C GLU A 353 -2.87 -26.87 1.37
N ARG A 354 -2.97 -25.55 1.35
CA ARG A 354 -2.63 -24.79 0.16
C ARG A 354 -1.13 -24.86 -0.16
N TYR A 355 -0.31 -25.01 0.87
CA TYR A 355 1.14 -24.87 0.72
C TYR A 355 1.75 -25.62 -0.48
N ASP A 356 1.28 -26.84 -0.75
CA ASP A 356 1.74 -27.62 -1.90
C ASP A 356 1.57 -26.87 -3.23
N LEU A 357 0.33 -26.57 -3.58
CA LEU A 357 0.01 -25.93 -4.84
C LEU A 357 0.54 -24.50 -4.93
N TRP A 358 0.66 -23.84 -3.78
CA TRP A 358 1.13 -22.47 -3.75
C TRP A 358 2.61 -22.36 -4.12
N LYS A 359 3.43 -23.18 -3.48
CA LYS A 359 4.87 -23.13 -3.71
C LYS A 359 5.21 -23.67 -5.09
N ARG A 360 4.27 -24.39 -5.69
CA ARG A 360 4.40 -24.83 -7.07
C ARG A 360 4.39 -23.61 -7.98
N GLY A 361 3.60 -22.61 -7.60
CA GLY A 361 3.52 -21.37 -8.35
C GLY A 361 4.74 -20.48 -8.12
N GLN A 362 5.20 -20.44 -6.87
CA GLN A 362 6.37 -19.64 -6.51
C GLN A 362 7.62 -20.21 -7.16
N ASP A 363 7.58 -21.51 -7.44
CA ASP A 363 8.72 -22.20 -8.08
C ASP A 363 8.29 -22.87 -9.37
ZN ZN B . -2.32 -15.36 -10.41
NI NI C . -1.07 -1.70 0.03
C1 OGA D . 0.34 0.52 1.12
C2 OGA D . 0.32 0.70 -0.33
C4 OGA D . 1.18 1.78 -2.32
C5 OGA D . 1.83 3.07 -2.74
O1 OGA D . -0.29 -0.46 1.59
O2 OGA D . 1.01 1.31 1.84
O2' OGA D . -0.41 -0.02 -1.02
O3 OGA D . 2.01 3.98 -1.90
N1 OGA D . 1.07 1.65 -0.88
O4 OGA D . 2.17 3.17 -3.94
C1 EDO E . 7.53 1.31 17.57
O1 EDO E . 7.65 1.58 18.98
C2 EDO E . 8.84 1.66 16.87
O2 EDO E . 9.00 3.08 16.80
C1 EDO F . -17.65 9.74 -8.45
O1 EDO F . -17.73 9.01 -7.22
C2 EDO F . -16.78 10.98 -8.23
O2 EDO F . -15.41 10.61 -8.27
C1 EDO G . -8.12 -11.64 -4.41
O1 EDO G . -9.05 -12.70 -4.17
C2 EDO G . -7.62 -11.67 -5.86
O2 EDO G . -8.69 -11.46 -6.78
C1 EDO H . 21.45 14.95 -1.25
O1 EDO H . 20.35 15.77 -1.68
C2 EDO H . 22.77 15.66 -1.51
O2 EDO H . 23.18 15.41 -2.87
C1 EDO I . -10.27 12.80 -2.73
O1 EDO I . -9.77 12.75 -1.38
C2 EDO I . -10.01 14.18 -3.32
O2 EDO I . -8.94 14.80 -2.60
C1 EDO J . 7.61 14.71 10.62
O1 EDO J . 6.70 15.74 11.00
C2 EDO J . 8.95 15.35 10.29
O2 EDO J . 9.78 14.43 9.57
C1 EDO K . -8.37 -4.12 -19.81
O1 EDO K . -8.91 -5.39 -19.43
C2 EDO K . -7.20 -4.34 -20.76
O2 EDO K . -6.13 -4.99 -20.06
C1 EDO L . 3.47 -1.99 2.14
O1 EDO L . 3.16 -1.42 0.86
C2 EDO L . 4.82 -2.69 2.03
O2 EDO L . 4.70 -3.77 1.10
S SO4 M . 14.53 19.92 -9.60
O1 SO4 M . 13.22 19.81 -10.26
O2 SO4 M . 14.94 21.32 -9.56
O3 SO4 M . 15.51 19.14 -10.33
O4 SO4 M . 14.43 19.42 -8.23
S SO4 N . 19.29 15.06 8.07
O1 SO4 N . 19.14 16.48 7.77
O2 SO4 N . 18.07 14.53 8.65
O3 SO4 N . 19.60 14.32 6.84
O4 SO4 N . 20.39 14.88 9.02
S SO4 O . -9.52 18.88 -18.48
O1 SO4 O . -10.74 18.24 -18.95
O2 SO4 O . -9.29 20.10 -19.26
O3 SO4 O . -8.39 17.97 -18.64
O4 SO4 O . -9.67 19.22 -17.07
S SO4 P . -3.56 15.88 -17.25
O1 SO4 P . -3.81 17.27 -17.60
O2 SO4 P . -4.60 15.41 -16.35
O3 SO4 P . -2.25 15.76 -16.61
O4 SO4 P . -3.58 15.07 -18.47
C1 AC6 Q . 15.75 15.72 -3.31
C2 AC6 Q . 16.30 16.69 -2.49
C3 AC6 Q . 15.56 17.24 -1.46
C4 AC6 Q . 14.23 16.82 -1.25
C5 AC6 Q . 13.69 15.85 -2.09
C6 AC6 Q . 14.44 15.30 -3.11
O1 AC6 Q . 16.48 15.17 -4.32
O2 AC6 Q . 13.99 18.31 0.55
C7 AC6 Q . 13.47 17.44 -0.14
C8 AC6 Q . 12.06 17.05 0.20
H2 AC6 Q . 17.19 16.97 -2.63
H3 AC6 Q . 15.93 17.89 -0.90
H5 AC6 Q . 12.80 15.56 -1.95
H6 AC6 Q . 14.05 14.64 -3.67
HO1 AC6 Q . 16.12 14.58 -4.83
H81 AC6 Q . 11.76 16.35 -0.41
H82 AC6 Q . 11.48 17.82 0.11
H83 AC6 Q . 12.02 16.71 1.11
C1 AC6 R . 15.25 12.80 15.26
C2 AC6 R . 16.40 13.46 15.68
C3 AC6 R . 16.48 14.84 15.58
C4 AC6 R . 15.42 15.56 15.05
C5 AC6 R . 14.26 14.88 14.62
C6 AC6 R . 14.19 13.51 14.72
O1 AC6 R . 15.18 11.44 15.36
O2 AC6 R . 14.54 17.66 14.45
C7 AC6 R . 15.49 17.04 14.93
C8 AC6 R . 16.70 17.79 15.40
H2 AC6 R . 17.12 12.97 16.04
H3 AC6 R . 17.26 15.28 15.87
H5 AC6 R . 13.55 15.37 14.26
H6 AC6 R . 13.42 13.06 14.43
HO1 AC6 R . 15.83 10.99 15.69
H81 AC6 R . 17.47 17.48 14.90
H82 AC6 R . 16.57 18.74 15.24
H83 AC6 R . 16.83 17.62 16.34
#